data_3OVA
#
_entry.id   3OVA
#
_cell.length_a   57.942
_cell.length_b   57.942
_cell.length_c   427.945
_cell.angle_alpha   90.00
_cell.angle_beta   90.00
_cell.angle_gamma   90.00
#
_symmetry.space_group_name_H-M   'P 43 21 2'
#
loop_
_entity.id
_entity.type
_entity.pdbx_description
1 polymer 'CCA-adding enzyme'
2 polymer 'RNA (34-MER)'
3 non-polymer 'DIPHOSPHOMETHYLPHOSPHONIC ACID ADENOSYL ESTER'
4 non-polymer 'SULFATE ION'
5 non-polymer 'MAGNESIUM ION'
6 non-polymer 1,2-ETHANEDIOL
7 water water
#
loop_
_entity_poly.entity_id
_entity_poly.type
_entity_poly.pdbx_seq_one_letter_code
_entity_poly.pdbx_strand_id
1 'polypeptide(L)'
;VEEILEKALELVIPDEEEVRKGREAEEELRRRLDELGVEYVFVGSYARNTWLKGSLEIDVFLLFPEEFSKEELRERGLEI
GKAVLDSYEIRYAEHPYVHGVVKGVEVDVVPCYKLKEPKNIKSAVDRTPFHHKWLEGRIKGKENEVRLLKGFLKANGIYG
AEYKVRGFSGYLCELLIVFYGSFLETVKNARRWTRRTVIDVAKGEVRKGEEFFVVDPVDEKRNVAANLSLDNLARFVHLC
REFMEAPSLGFFKPKHPLEIEPERLRKIVEERGTAVFAVKFRKPDIVDDNLYPQLERASRKIFEFLERENFMPLRSAFKA
SEEFCYLLFECQIKEISRVFRRMGPQFEDERNVKKFLSRNRAFRPFIENGRWWAFEMRKFTTPEEGVRSYASTHWHTLGK
NVGESIREYFEIISGEKLFKEPVTAELCEMMGVKD
;
A
2 'polyribonucleotide' GGAAGUAGAUGGUUCAAGUCCAUUUACUUCCACC C
#
loop_
_chem_comp.id
_chem_comp.type
_chem_comp.name
_chem_comp.formula
A RNA linking ADENOSINE-5'-MONOPHOSPHATE 'C10 H14 N5 O7 P'
APC non-polymer 'DIPHOSPHOMETHYLPHOSPHONIC ACID ADENOSYL ESTER' 'C11 H18 N5 O12 P3'
C RNA linking CYTIDINE-5'-MONOPHOSPHATE 'C9 H14 N3 O8 P'
EDO non-polymer 1,2-ETHANEDIOL 'C2 H6 O2'
G RNA linking GUANOSINE-5'-MONOPHOSPHATE 'C10 H14 N5 O8 P'
MG non-polymer 'MAGNESIUM ION' 'Mg 2'
SO4 non-polymer 'SULFATE ION' 'O4 S -2'
U RNA linking URIDINE-5'-MONOPHOSPHATE 'C9 H13 N2 O9 P'
#
# COMPACT_ATOMS: atom_id res chain seq x y z
N VAL A 1 -10.53 -24.92 16.26
CA VAL A 1 -9.93 -23.57 16.14
C VAL A 1 -9.05 -23.26 17.35
N GLU A 2 -9.55 -23.60 18.54
CA GLU A 2 -8.81 -23.36 19.79
C GLU A 2 -7.44 -24.03 19.83
N GLU A 3 -7.34 -25.19 19.19
CA GLU A 3 -6.08 -25.93 19.09
C GLU A 3 -5.09 -25.24 18.15
N ILE A 4 -5.63 -24.69 17.06
CA ILE A 4 -4.83 -23.99 16.05
C ILE A 4 -4.22 -22.71 16.61
N LEU A 5 -5.03 -21.95 17.36
CA LEU A 5 -4.60 -20.70 17.97
C LEU A 5 -3.53 -20.93 19.04
N GLU A 6 -3.58 -22.09 19.69
CA GLU A 6 -2.51 -22.53 20.61
C GLU A 6 -1.20 -22.71 19.87
N LYS A 7 -1.23 -23.45 18.75
CA LYS A 7 -0.05 -23.64 17.91
C LYS A 7 0.46 -22.32 17.32
N ALA A 8 -0.49 -21.48 16.91
CA ALA A 8 -0.19 -20.17 16.30
C ALA A 8 0.54 -19.21 17.26
N LEU A 9 0.21 -19.29 18.54
CA LEU A 9 0.90 -18.54 19.60
C LEU A 9 2.42 -18.71 19.55
N GLU A 10 2.87 -19.90 19.17
CA GLU A 10 4.30 -20.20 19.08
C GLU A 10 4.97 -19.45 17.92
N LEU A 11 4.17 -18.97 16.99
CA LEU A 11 4.69 -18.22 15.84
C LEU A 11 4.69 -16.71 16.09
N VAL A 12 3.82 -16.25 16.99
CA VAL A 12 3.61 -14.81 17.19
C VAL A 12 4.21 -14.24 18.49
N ILE A 13 4.47 -15.11 19.47
CA ILE A 13 5.01 -14.67 20.76
C ILE A 13 6.53 -14.80 20.78
N PRO A 14 7.24 -13.70 21.09
CA PRO A 14 8.69 -13.75 21.24
C PRO A 14 9.08 -14.61 22.44
N ASP A 15 10.10 -15.45 22.28
CA ASP A 15 10.59 -16.27 23.38
C ASP A 15 11.39 -15.42 24.37
N GLU A 16 11.80 -16.03 25.48
CA GLU A 16 12.42 -15.31 26.60
C GLU A 16 13.72 -14.61 26.23
N GLU A 17 14.43 -15.16 25.24
CA GLU A 17 15.70 -14.61 24.79
C GLU A 17 15.50 -13.34 23.98
N GLU A 18 14.46 -13.33 23.14
CA GLU A 18 14.15 -12.16 22.31
C GLU A 18 13.61 -11.01 23.17
N VAL A 19 12.76 -11.35 24.13
CA VAL A 19 12.28 -10.39 25.13
C VAL A 19 13.47 -9.79 25.89
N ARG A 20 14.40 -10.66 26.30
CA ARG A 20 15.60 -10.24 27.02
C ARG A 20 16.40 -9.24 26.20
N LYS A 21 16.59 -9.54 24.92
CA LYS A 21 17.28 -8.63 23.99
C LYS A 21 16.63 -7.24 23.94
N GLY A 22 15.30 -7.22 23.86
CA GLY A 22 14.55 -5.97 23.87
C GLY A 22 14.76 -5.14 25.13
N ARG A 23 14.61 -5.79 26.29
CA ARG A 23 14.80 -5.14 27.60
C ARG A 23 16.19 -4.53 27.76
N GLU A 24 17.21 -5.24 27.29
CA GLU A 24 18.59 -4.77 27.40
C GLU A 24 18.84 -3.59 26.46
N ALA A 25 18.24 -3.65 25.28
CA ALA A 25 18.30 -2.56 24.32
C ALA A 25 17.55 -1.34 24.87
N GLU A 26 16.39 -1.57 25.48
CA GLU A 26 15.65 -0.53 26.19
C GLU A 26 16.51 0.11 27.29
N GLU A 27 17.12 -0.71 28.13
CA GLU A 27 17.93 -0.20 29.24
C GLU A 27 19.09 0.64 28.73
N GLU A 28 19.69 0.23 27.61
CA GLU A 28 20.83 0.94 27.05
C GLU A 28 20.42 2.28 26.45
N LEU A 29 19.27 2.31 25.79
CA LEU A 29 18.66 3.51 25.24
C LEU A 29 18.42 4.54 26.33
N ARG A 30 17.71 4.15 27.39
CA ARG A 30 17.47 5.02 28.56
C ARG A 30 18.79 5.61 29.07
N ARG A 31 19.80 4.75 29.23
CA ARG A 31 21.11 5.17 29.69
C ARG A 31 21.76 6.24 28.78
N ARG A 32 21.72 6.02 27.47
CA ARG A 32 22.24 6.96 26.50
C ARG A 32 21.45 8.27 26.50
N LEU A 33 20.13 8.14 26.60
CA LEU A 33 19.20 9.29 26.62
C LEU A 33 19.29 10.11 27.92
N ASP A 34 19.41 9.42 29.05
CA ASP A 34 19.58 10.10 30.36
C ASP A 34 20.89 10.85 30.46
N GLU A 35 21.92 10.36 29.78
CA GLU A 35 23.21 11.01 29.77
C GLU A 35 23.13 12.34 29.05
N LEU A 36 22.21 12.43 28.10
CA LEU A 36 22.02 13.66 27.34
C LEU A 36 21.03 14.59 28.01
N GLY A 37 20.31 14.10 29.02
CA GLY A 37 19.32 14.90 29.75
C GLY A 37 18.09 15.22 28.90
N VAL A 38 17.78 14.32 27.98
CA VAL A 38 16.70 14.49 27.00
C VAL A 38 15.35 14.06 27.60
N GLU A 39 14.26 14.73 27.21
CA GLU A 39 12.91 14.31 27.58
C GLU A 39 12.32 13.38 26.51
N TYR A 40 12.01 12.15 26.90
CA TYR A 40 11.57 11.12 25.97
C TYR A 40 10.47 10.25 26.57
N VAL A 41 9.79 9.49 25.72
CA VAL A 41 8.83 8.47 26.15
C VAL A 41 8.88 7.25 25.22
N PHE A 42 8.83 6.05 25.80
CA PHE A 42 8.70 4.82 25.02
C PHE A 42 7.23 4.60 24.65
N VAL A 43 6.98 4.35 23.38
CA VAL A 43 5.63 4.15 22.88
C VAL A 43 5.55 2.97 21.91
N GLY A 44 4.39 2.80 21.27
CA GLY A 44 4.23 1.75 20.28
C GLY A 44 4.20 0.34 20.87
N SER A 45 4.44 -0.64 20.00
CA SER A 45 4.31 -2.07 20.37
C SER A 45 5.31 -2.58 21.40
N TYR A 46 6.55 -2.07 21.38
CA TYR A 46 7.51 -2.49 22.40
C TYR A 46 7.04 -2.10 23.80
N ALA A 47 6.56 -0.86 23.93
CA ALA A 47 6.10 -0.34 25.21
C ALA A 47 4.85 -1.03 25.72
N ARG A 48 4.04 -1.58 24.81
CA ARG A 48 2.84 -2.34 25.19
C ARG A 48 3.01 -3.88 25.20
N ASN A 49 4.19 -4.35 24.82
CA ASN A 49 4.47 -5.79 24.66
C ASN A 49 3.46 -6.46 23.71
N THR A 50 3.20 -5.79 22.60
CA THR A 50 2.28 -6.30 21.58
C THR A 50 3.02 -6.52 20.26
N TRP A 51 4.35 -6.54 20.30
CA TRP A 51 5.14 -6.72 19.10
C TRP A 51 5.21 -8.19 18.66
N LEU A 52 5.28 -8.38 17.34
CA LEU A 52 5.31 -9.71 16.73
C LEU A 52 6.70 -10.34 16.86
N LYS A 53 6.72 -11.62 17.23
CA LYS A 53 7.94 -12.42 17.32
C LYS A 53 8.80 -12.25 16.09
N GLY A 54 10.05 -11.87 16.27
CA GLY A 54 10.98 -11.71 15.16
C GLY A 54 10.91 -10.38 14.45
N SER A 55 9.97 -9.52 14.88
CA SER A 55 9.77 -8.21 14.24
C SER A 55 9.81 -7.06 15.24
N LEU A 56 10.79 -7.08 16.14
CA LEU A 56 10.89 -6.05 17.18
C LEU A 56 11.47 -4.75 16.66
N GLU A 57 10.74 -3.67 16.91
CA GLU A 57 11.27 -2.32 16.78
C GLU A 57 10.83 -1.48 17.98
N ILE A 58 11.80 -0.87 18.66
CA ILE A 58 11.56 0.02 19.80
C ILE A 58 11.29 1.45 19.29
N ASP A 59 10.21 2.06 19.76
CA ASP A 59 9.94 3.46 19.42
C ASP A 59 10.30 4.38 20.59
N VAL A 60 11.20 5.34 20.32
CA VAL A 60 11.53 6.37 21.31
C VAL A 60 11.09 7.71 20.78
N PHE A 61 10.19 8.36 21.52
CA PHE A 61 9.65 9.66 21.14
C PHE A 61 10.30 10.78 21.94
N LEU A 62 10.89 11.74 21.23
CA LEU A 62 11.48 12.93 21.85
C LEU A 62 10.40 14.02 21.98
N LEU A 63 10.14 14.47 23.21
CA LEU A 63 9.04 15.39 23.45
C LEU A 63 9.48 16.86 23.46
N PHE A 64 9.10 17.58 22.40
CA PHE A 64 9.50 18.99 22.26
C PHE A 64 8.38 19.96 22.64
N PRO A 65 8.74 21.12 23.25
CA PRO A 65 7.71 22.13 23.53
C PRO A 65 6.99 22.57 22.26
N GLU A 66 5.68 22.77 22.39
CA GLU A 66 4.83 23.14 21.26
C GLU A 66 5.32 24.35 20.47
N GLU A 67 6.01 25.27 21.13
CA GLU A 67 6.45 26.52 20.51
C GLU A 67 7.54 26.30 19.47
N PHE A 68 8.23 25.16 19.53
CA PHE A 68 9.39 24.93 18.68
C PHE A 68 8.98 24.88 17.21
N SER A 69 9.81 25.39 16.33
CA SER A 69 9.55 25.27 14.90
C SER A 69 9.71 23.82 14.42
N LYS A 70 9.04 23.50 13.32
CA LYS A 70 9.16 22.22 12.65
C LYS A 70 10.63 21.92 12.31
N GLU A 71 11.36 22.97 11.92
CA GLU A 71 12.78 22.83 11.59
C GLU A 71 13.67 22.51 12.80
N GLU A 72 13.33 23.06 13.98
CA GLU A 72 14.05 22.72 15.21
C GLU A 72 13.82 21.27 15.59
N LEU A 73 12.59 20.79 15.46
CA LEU A 73 12.29 19.39 15.74
C LEU A 73 13.14 18.45 14.90
N ARG A 74 13.27 18.71 13.60
CA ARG A 74 14.12 17.84 12.76
C ARG A 74 15.59 17.95 13.07
N GLU A 75 16.12 19.18 13.19
CA GLU A 75 17.53 19.38 13.54
C GLU A 75 17.89 18.76 14.88
N ARG A 76 17.15 19.12 15.92
CA ARG A 76 17.40 18.60 17.27
C ARG A 76 17.14 17.10 17.37
N GLY A 77 16.02 16.65 16.79
CA GLY A 77 15.67 15.23 16.80
C GLY A 77 16.68 14.34 16.08
N LEU A 78 17.10 14.75 14.89
CA LEU A 78 18.12 14.00 14.15
C LEU A 78 19.46 13.98 14.90
N GLU A 79 19.81 15.10 15.52
CA GLU A 79 21.01 15.24 16.35
C GLU A 79 21.01 14.23 17.51
N ILE A 80 19.91 14.18 18.25
CA ILE A 80 19.75 13.22 19.35
C ILE A 80 19.75 11.77 18.87
N GLY A 81 19.01 11.49 17.80
CA GLY A 81 18.94 10.14 17.24
C GLY A 81 20.33 9.60 16.91
N LYS A 82 21.12 10.40 16.20
CA LYS A 82 22.46 9.99 15.80
C LYS A 82 23.40 9.71 16.97
N ALA A 83 23.30 10.50 18.03
CA ALA A 83 24.20 10.37 19.18
C ALA A 83 23.90 9.09 19.98
N VAL A 84 22.70 8.56 19.78
CA VAL A 84 22.11 7.56 20.65
C VAL A 84 22.01 6.13 20.03
N LEU A 85 22.36 6.00 18.75
CA LEU A 85 22.24 4.71 18.05
C LEU A 85 23.60 4.22 17.55
N ASP A 86 23.77 2.89 17.50
CA ASP A 86 25.06 2.30 17.12
C ASP A 86 25.38 2.59 15.66
N SER A 87 24.37 2.44 14.82
CA SER A 87 24.41 2.80 13.42
C SER A 87 23.03 3.38 13.12
N TYR A 88 22.92 4.12 12.03
CA TYR A 88 21.66 4.81 11.75
C TYR A 88 21.44 5.08 10.26
N GLU A 89 20.16 5.23 9.90
CA GLU A 89 19.77 5.68 8.58
C GLU A 89 18.79 6.80 8.76
N ILE A 90 18.93 7.83 7.93
CA ILE A 90 17.90 8.88 7.87
C ILE A 90 17.26 8.91 6.49
N ARG A 91 16.00 8.46 6.43
CA ARG A 91 15.25 8.39 5.18
C ARG A 91 13.77 8.45 5.53
N TYR A 92 13.10 9.49 5.06
CA TYR A 92 11.69 9.71 5.38
C TYR A 92 11.04 10.56 4.30
N ALA A 93 9.71 10.55 4.26
CA ALA A 93 8.94 11.30 3.25
C ALA A 93 8.62 12.73 3.70
N GLU A 94 8.21 12.89 4.96
CA GLU A 94 7.80 14.21 5.46
C GLU A 94 8.22 14.42 6.91
N HIS A 95 7.74 13.56 7.80
CA HIS A 95 8.07 13.70 9.20
C HIS A 95 9.40 13.08 9.55
N PRO A 96 10.32 13.90 10.09
CA PRO A 96 11.69 13.49 10.36
C PRO A 96 11.80 12.49 11.50
N TYR A 97 12.75 11.57 11.36
CA TYR A 97 13.08 10.59 12.39
C TYR A 97 14.38 9.90 12.01
N VAL A 98 14.97 9.21 12.98
CA VAL A 98 16.19 8.44 12.76
C VAL A 98 15.92 6.97 13.07
N HIS A 99 16.27 6.12 12.10
CA HIS A 99 16.21 4.69 12.32
C HIS A 99 17.61 4.19 12.61
N GLY A 100 17.71 3.28 13.57
CA GLY A 100 19.01 2.71 13.88
C GLY A 100 18.92 1.41 14.64
N VAL A 101 20.02 1.10 15.32
CA VAL A 101 20.18 -0.15 16.04
C VAL A 101 20.88 0.13 17.36
N VAL A 102 20.33 -0.43 18.44
CA VAL A 102 21.02 -0.44 19.73
C VAL A 102 21.04 -1.88 20.22
N LYS A 103 22.23 -2.40 20.45
CA LYS A 103 22.43 -3.76 20.96
C LYS A 103 21.65 -4.81 20.15
N GLY A 104 21.80 -4.74 18.83
CA GLY A 104 21.14 -5.65 17.89
C GLY A 104 19.66 -5.43 17.61
N VAL A 105 19.04 -4.50 18.33
CA VAL A 105 17.61 -4.22 18.15
C VAL A 105 17.34 -2.94 17.35
N GLU A 106 16.40 -3.03 16.41
CA GLU A 106 15.90 -1.88 15.62
C GLU A 106 15.21 -0.85 16.48
N VAL A 107 15.46 0.42 16.18
CA VAL A 107 14.94 1.54 16.95
C VAL A 107 14.55 2.66 15.99
N ASP A 108 13.39 3.28 16.22
CA ASP A 108 13.08 4.59 15.63
C ASP A 108 13.14 5.65 16.70
N VAL A 109 13.90 6.71 16.46
CA VAL A 109 13.94 7.86 17.35
C VAL A 109 13.24 9.00 16.66
N VAL A 110 12.12 9.42 17.24
CA VAL A 110 11.16 10.29 16.58
C VAL A 110 10.85 11.55 17.41
N PRO A 111 11.06 12.74 16.82
CA PRO A 111 10.71 13.98 17.50
C PRO A 111 9.21 14.27 17.36
N CYS A 112 8.58 14.70 18.45
CA CYS A 112 7.17 15.06 18.41
C CYS A 112 6.88 16.18 19.39
N TYR A 113 5.76 16.87 19.19
CA TYR A 113 5.36 17.95 20.10
C TYR A 113 4.66 17.42 21.34
N LYS A 114 5.00 18.00 22.47
CA LYS A 114 4.40 17.65 23.74
C LYS A 114 3.12 18.47 23.88
N LEU A 115 2.01 17.94 23.38
CA LEU A 115 0.75 18.65 23.42
C LEU A 115 -0.06 18.25 24.64
N LYS A 116 -0.94 19.16 25.08
CA LYS A 116 -2.14 18.74 25.82
C LYS A 116 -3.21 18.64 24.74
N GLU A 117 -3.98 17.56 24.78
CA GLU A 117 -5.01 17.30 23.75
C GLU A 117 -4.36 16.98 22.40
N PRO A 118 -4.69 15.80 21.83
CA PRO A 118 -4.26 15.47 20.48
C PRO A 118 -5.20 16.09 19.45
N LYS A 119 -5.54 17.36 19.67
CA LYS A 119 -6.35 18.17 18.76
C LYS A 119 -5.48 19.24 18.12
N ASN A 120 -5.77 19.54 16.85
CA ASN A 120 -4.97 20.45 16.04
C ASN A 120 -3.49 20.10 16.16
N ILE A 121 -3.17 18.83 15.94
CA ILE A 121 -1.80 18.34 16.07
C ILE A 121 -0.84 19.19 15.22
N LYS A 122 0.40 19.35 15.69
CA LYS A 122 1.36 20.21 15.00
C LYS A 122 2.26 19.42 14.05
N SER A 123 2.77 18.28 14.52
CA SER A 123 3.43 17.29 13.64
C SER A 123 2.50 16.12 13.35
N ALA A 124 2.79 15.40 12.27
CA ALA A 124 2.04 14.20 11.89
C ALA A 124 1.98 13.11 12.97
N VAL A 125 2.96 13.07 13.87
CA VAL A 125 3.05 11.98 14.85
C VAL A 125 2.49 12.32 16.25
N ASP A 126 1.96 13.53 16.43
CA ASP A 126 1.55 14.02 17.76
C ASP A 126 0.51 13.19 18.51
N ARG A 127 -0.28 12.38 17.80
CA ARG A 127 -1.27 11.51 18.48
C ARG A 127 -0.62 10.32 19.21
N THR A 128 0.55 9.90 18.76
CA THR A 128 1.17 8.64 19.19
C THR A 128 1.34 8.46 20.72
N PRO A 129 1.87 9.48 21.43
CA PRO A 129 1.89 9.37 22.90
C PRO A 129 0.52 9.20 23.53
N PHE A 130 -0.52 9.79 22.93
CA PHE A 130 -1.90 9.66 23.41
C PHE A 130 -2.48 8.28 23.13
N HIS A 131 -2.15 7.70 21.97
CA HIS A 131 -2.48 6.30 21.66
C HIS A 131 -1.99 5.38 22.78
N HIS A 132 -0.73 5.57 23.15
CA HIS A 132 -0.12 4.77 24.21
C HIS A 132 -0.82 4.93 25.57
N LYS A 133 -1.09 6.16 26.00
CA LYS A 133 -1.81 6.36 27.26
C LYS A 133 -3.18 5.71 27.23
N TRP A 134 -3.87 5.83 26.09
CA TRP A 134 -5.21 5.25 25.90
C TRP A 134 -5.19 3.72 25.97
N LEU A 135 -4.21 3.12 25.30
CA LEU A 135 -4.08 1.68 25.19
C LEU A 135 -3.49 1.02 26.43
N GLU A 136 -2.66 1.78 27.13
CA GLU A 136 -1.89 1.35 28.31
C GLU A 136 -2.67 0.41 29.24
N GLY A 137 -3.78 0.91 29.77
CA GLY A 137 -4.53 0.18 30.78
C GLY A 137 -5.73 -0.55 30.21
N ARG A 138 -5.79 -0.65 28.89
CA ARG A 138 -6.88 -1.32 28.20
C ARG A 138 -6.40 -2.59 27.49
N ILE A 139 -5.15 -2.57 27.00
CA ILE A 139 -4.60 -3.72 26.24
C ILE A 139 -4.02 -4.82 27.15
N LYS A 140 -3.80 -4.49 28.43
CA LYS A 140 -3.14 -5.38 29.38
C LYS A 140 -3.86 -6.73 29.51
N GLY A 141 -3.12 -7.82 29.31
CA GLY A 141 -3.67 -9.17 29.33
C GLY A 141 -4.13 -9.70 27.99
N LYS A 142 -4.24 -8.82 26.99
CA LYS A 142 -4.72 -9.19 25.64
C LYS A 142 -3.62 -9.11 24.59
N GLU A 143 -2.39 -9.08 25.07
CA GLU A 143 -1.17 -8.93 24.27
C GLU A 143 -1.04 -9.98 23.16
N ASN A 144 -1.30 -11.23 23.51
CA ASN A 144 -1.16 -12.32 22.57
C ASN A 144 -2.28 -12.40 21.57
N GLU A 145 -3.43 -11.79 21.89
CA GLU A 145 -4.55 -11.67 20.95
C GLU A 145 -4.14 -10.71 19.84
N VAL A 146 -3.50 -9.60 20.24
CA VAL A 146 -3.00 -8.62 19.29
C VAL A 146 -1.97 -9.28 18.38
N ARG A 147 -1.07 -10.04 19.01
CA ARG A 147 0.00 -10.73 18.29
C ARG A 147 -0.53 -11.76 17.28
N LEU A 148 -1.59 -12.48 17.66
CA LEU A 148 -2.33 -13.35 16.72
C LEU A 148 -2.90 -12.58 15.53
N LEU A 149 -3.52 -11.43 15.77
CA LEU A 149 -4.09 -10.64 14.68
C LEU A 149 -3.02 -10.11 13.74
N LYS A 150 -1.93 -9.58 14.32
CA LYS A 150 -0.79 -9.06 13.56
C LYS A 150 -0.18 -10.15 12.69
N GLY A 151 0.02 -11.34 13.27
CA GLY A 151 0.61 -12.48 12.61
C GLY A 151 -0.25 -13.03 11.48
N PHE A 152 -1.55 -13.10 11.73
CA PHE A 152 -2.55 -13.47 10.72
C PHE A 152 -2.51 -12.50 9.54
N LEU A 153 -2.53 -11.20 9.83
CA LEU A 153 -2.51 -10.18 8.78
C LEU A 153 -1.20 -10.18 7.98
N LYS A 154 -0.09 -10.35 8.70
CA LYS A 154 1.24 -10.32 8.10
C LYS A 154 1.44 -11.50 7.15
N ALA A 155 0.99 -12.68 7.58
CA ALA A 155 1.11 -13.90 6.79
C ALA A 155 0.31 -13.82 5.49
N ASN A 156 -0.67 -12.93 5.46
CA ASN A 156 -1.51 -12.75 4.28
C ASN A 156 -1.32 -11.41 3.55
N GLY A 157 -0.18 -10.75 3.78
CA GLY A 157 0.24 -9.60 2.99
C GLY A 157 -0.53 -8.31 3.17
N ILE A 158 -1.30 -8.19 4.25
CA ILE A 158 -2.14 -7.01 4.48
C ILE A 158 -1.91 -6.35 5.85
N TYR A 159 -0.72 -6.59 6.42
CA TYR A 159 -0.28 -5.91 7.64
C TYR A 159 0.56 -4.67 7.33
N GLY A 160 0.17 -3.55 7.92
CA GLY A 160 0.87 -2.30 7.69
C GLY A 160 0.03 -1.34 6.90
N ALA A 161 -0.03 -0.09 7.37
CA ALA A 161 -0.79 0.98 6.72
C ALA A 161 0.01 1.76 5.67
N GLU A 162 1.29 1.44 5.53
CA GLU A 162 2.14 2.16 4.57
C GLU A 162 1.64 1.91 3.14
N TYR A 163 1.91 2.85 2.22
CA TYR A 163 1.44 2.75 0.83
C TYR A 163 1.77 1.47 0.11
N LYS A 164 2.95 0.91 0.39
CA LYS A 164 3.33 -0.35 -0.21
C LYS A 164 2.32 -1.46 0.07
N VAL A 165 1.70 -1.43 1.25
CA VAL A 165 0.78 -2.49 1.68
C VAL A 165 -0.68 -2.04 1.61
N ARG A 166 -0.96 -0.79 2.00
CA ARG A 166 -2.34 -0.28 2.15
C ARG A 166 -3.23 -1.21 3.01
N GLY A 167 -2.70 -1.63 4.15
CA GLY A 167 -3.39 -2.60 4.99
C GLY A 167 -3.73 -2.09 6.38
N PHE A 168 -3.62 -2.98 7.36
CA PHE A 168 -3.96 -2.74 8.77
C PHE A 168 -2.71 -2.37 9.58
N SER A 169 -2.71 -1.20 10.21
CA SER A 169 -1.61 -0.81 11.09
C SER A 169 -1.64 -1.62 12.39
N GLY A 170 -0.52 -1.63 13.09
CA GLY A 170 -0.42 -2.26 14.39
C GLY A 170 -1.40 -1.65 15.38
N TYR A 171 -1.51 -0.33 15.37
CA TYR A 171 -2.46 0.39 16.23
C TYR A 171 -3.93 0.02 15.97
N LEU A 172 -4.28 -0.09 14.69
CA LEU A 172 -5.59 -0.58 14.31
C LEU A 172 -5.88 -1.97 14.90
N CYS A 173 -4.89 -2.87 14.83
CA CYS A 173 -5.02 -4.20 15.43
C CYS A 173 -5.31 -4.14 16.92
N GLU A 174 -4.61 -3.25 17.61
CA GLU A 174 -4.82 -3.06 19.05
C GLU A 174 -6.23 -2.55 19.34
N LEU A 175 -6.69 -1.59 18.56
CA LEU A 175 -8.04 -1.05 18.71
C LEU A 175 -9.11 -2.12 18.50
N LEU A 176 -8.91 -2.98 17.51
CA LEU A 176 -9.83 -4.11 17.23
C LEU A 176 -9.89 -5.12 18.36
N ILE A 177 -8.75 -5.42 18.95
CA ILE A 177 -8.70 -6.29 20.12
C ILE A 177 -9.44 -5.67 21.32
N VAL A 178 -9.27 -4.38 21.56
CA VAL A 178 -10.04 -3.69 22.60
C VAL A 178 -11.55 -3.72 22.29
N PHE A 179 -11.89 -3.55 21.02
CA PHE A 179 -13.29 -3.54 20.59
C PHE A 179 -13.95 -4.91 20.76
N TYR A 180 -13.31 -5.96 20.23
CA TYR A 180 -13.92 -7.30 20.18
C TYR A 180 -13.55 -8.24 21.32
N GLY A 181 -12.40 -8.00 21.95
CA GLY A 181 -11.98 -8.76 23.13
C GLY A 181 -10.87 -9.76 22.88
N SER A 182 -10.77 -10.25 21.65
CA SER A 182 -9.87 -11.36 21.30
C SER A 182 -9.73 -11.46 19.78
N PHE A 183 -8.74 -12.22 19.31
CA PHE A 183 -8.53 -12.46 17.88
C PHE A 183 -9.73 -13.16 17.25
N LEU A 184 -10.21 -14.18 17.95
CA LEU A 184 -11.30 -15.03 17.45
C LEU A 184 -12.59 -14.23 17.26
N GLU A 185 -12.94 -13.44 18.26
CA GLU A 185 -14.09 -12.55 18.16
C GLU A 185 -13.94 -11.51 17.05
N THR A 186 -12.74 -10.98 16.86
CA THR A 186 -12.48 -10.05 15.78
C THR A 186 -12.75 -10.74 14.46
N VAL A 187 -12.16 -11.93 14.29
CA VAL A 187 -12.30 -12.69 13.06
C VAL A 187 -13.75 -13.09 12.77
N LYS A 188 -14.47 -13.52 13.80
CA LYS A 188 -15.90 -13.88 13.67
C LYS A 188 -16.77 -12.70 13.21
N ASN A 189 -16.56 -11.54 13.83
CA ASN A 189 -17.33 -10.35 13.49
C ASN A 189 -16.94 -9.70 12.15
N ALA A 190 -15.65 -9.74 11.82
CA ALA A 190 -15.15 -9.17 10.56
C ALA A 190 -15.77 -9.83 9.32
N ARG A 191 -16.23 -11.07 9.48
CA ARG A 191 -16.97 -11.77 8.42
C ARG A 191 -18.19 -10.99 7.94
N ARG A 192 -18.73 -10.14 8.82
CA ARG A 192 -19.94 -9.36 8.53
C ARG A 192 -19.66 -7.86 8.31
N TRP A 193 -18.38 -7.50 8.21
CA TRP A 193 -18.01 -6.13 7.84
C TRP A 193 -18.38 -5.83 6.40
N THR A 194 -18.78 -4.60 6.16
CA THR A 194 -19.08 -4.13 4.82
C THR A 194 -18.15 -2.95 4.52
N ARG A 195 -18.23 -2.45 3.29
CA ARG A 195 -17.47 -1.27 2.88
C ARG A 195 -17.99 0.02 3.52
N ARG A 196 -19.05 -0.10 4.33
CA ARG A 196 -19.64 1.05 5.03
C ARG A 196 -19.63 0.91 6.56
N THR A 197 -18.92 -0.10 7.06
CA THR A 197 -18.80 -0.37 8.49
C THR A 197 -18.00 0.73 9.21
N VAL A 198 -18.62 1.33 10.22
CA VAL A 198 -17.92 2.27 11.10
C VAL A 198 -17.76 1.62 12.47
N ILE A 199 -16.51 1.46 12.90
CA ILE A 199 -16.19 0.95 14.24
C ILE A 199 -15.69 2.09 15.12
N ASP A 200 -16.41 2.37 16.21
CA ASP A 200 -16.11 3.47 17.12
C ASP A 200 -15.81 2.91 18.52
N VAL A 201 -14.54 2.56 18.75
CA VAL A 201 -14.09 1.92 19.99
C VAL A 201 -14.46 2.74 21.23
N ALA A 202 -14.19 4.05 21.21
CA ALA A 202 -14.50 4.92 22.36
C ALA A 202 -15.97 4.89 22.78
N LYS A 203 -16.87 4.71 21.81
CA LYS A 203 -18.30 4.69 22.06
C LYS A 203 -18.86 3.28 22.18
N GLY A 204 -18.02 2.28 21.96
CA GLY A 204 -18.42 0.88 22.03
C GLY A 204 -19.45 0.47 21.01
N GLU A 205 -19.32 1.01 19.80
CA GLU A 205 -20.41 1.00 18.83
C GLU A 205 -19.96 0.71 17.40
N VAL A 206 -20.80 -0.01 16.67
CA VAL A 206 -20.66 -0.20 15.22
C VAL A 206 -21.88 0.42 14.55
N ARG A 207 -21.62 1.29 13.58
CA ARG A 207 -22.68 1.90 12.79
C ARG A 207 -22.36 1.82 11.29
N LYS A 208 -23.19 2.47 10.48
CA LYS A 208 -23.02 2.49 9.03
C LYS A 208 -22.61 3.89 8.61
N GLY A 209 -21.65 3.98 7.70
CA GLY A 209 -21.21 5.28 7.20
C GLY A 209 -21.11 5.33 5.70
N GLU A 210 -20.34 6.29 5.19
CA GLU A 210 -20.09 6.43 3.77
C GLU A 210 -18.94 5.55 3.35
N GLU A 211 -18.11 5.17 4.32
CA GLU A 211 -16.90 4.41 4.04
C GLU A 211 -16.46 3.65 5.28
N PHE A 212 -15.59 2.66 5.10
CA PHE A 212 -15.06 1.90 6.23
C PHE A 212 -14.18 2.80 7.10
N PHE A 213 -14.54 2.91 8.37
CA PHE A 213 -14.01 3.95 9.22
C PHE A 213 -13.89 3.44 10.64
N VAL A 214 -12.67 3.44 11.17
CA VAL A 214 -12.41 3.03 12.55
C VAL A 214 -11.98 4.28 13.31
N VAL A 215 -12.86 4.84 14.14
CA VAL A 215 -12.56 6.16 14.69
C VAL A 215 -11.56 6.06 15.83
N ASP A 216 -10.51 6.87 15.73
CA ASP A 216 -9.42 6.89 16.71
C ASP A 216 -9.99 7.39 18.03
N PRO A 217 -9.90 6.58 19.10
CA PRO A 217 -10.44 6.97 20.42
C PRO A 217 -9.79 8.26 20.97
N VAL A 218 -8.70 8.66 20.34
CA VAL A 218 -7.90 9.81 20.71
C VAL A 218 -8.33 11.04 19.90
N ASP A 219 -8.92 10.81 18.73
CA ASP A 219 -9.25 11.88 17.79
C ASP A 219 -10.42 11.42 16.92
N GLU A 220 -11.63 11.87 17.26
CA GLU A 220 -12.84 11.38 16.57
C GLU A 220 -12.91 11.73 15.08
N LYS A 221 -12.07 12.68 14.65
CA LYS A 221 -11.95 13.03 13.24
C LYS A 221 -11.03 12.07 12.49
N ARG A 222 -10.23 11.30 13.22
CA ARG A 222 -9.23 10.41 12.63
C ARG A 222 -9.81 9.05 12.29
N ASN A 223 -9.65 8.64 11.03
CA ASN A 223 -9.91 7.27 10.60
C ASN A 223 -8.61 6.46 10.67
N VAL A 224 -8.50 5.56 11.64
CA VAL A 224 -7.28 4.74 11.80
C VAL A 224 -7.06 3.86 10.57
N ALA A 225 -8.17 3.41 9.97
CA ALA A 225 -8.14 2.61 8.75
C ALA A 225 -8.22 3.48 7.49
N ALA A 226 -7.78 4.74 7.57
CA ALA A 226 -7.87 5.64 6.41
C ALA A 226 -7.22 5.07 5.16
N ASN A 227 -6.08 4.39 5.33
CA ASN A 227 -5.32 3.93 4.17
C ASN A 227 -5.48 2.42 3.87
N LEU A 228 -6.39 1.76 4.58
CA LEU A 228 -6.78 0.38 4.23
C LEU A 228 -7.58 0.45 2.93
N SER A 229 -7.07 -0.18 1.88
CA SER A 229 -7.76 -0.19 0.59
C SER A 229 -9.05 -1.00 0.68
N LEU A 230 -10.02 -0.68 -0.19
CA LEU A 230 -11.25 -1.46 -0.30
C LEU A 230 -10.95 -2.94 -0.58
N ASP A 231 -10.02 -3.19 -1.50
CA ASP A 231 -9.70 -4.56 -1.90
C ASP A 231 -9.03 -5.36 -0.80
N ASN A 232 -8.20 -4.71 0.01
CA ASN A 232 -7.57 -5.35 1.15
C ASN A 232 -8.53 -5.60 2.31
N LEU A 233 -9.45 -4.66 2.53
CA LEU A 233 -10.58 -4.89 3.45
C LEU A 233 -11.37 -6.13 3.00
N ALA A 234 -11.65 -6.19 1.70
CA ALA A 234 -12.35 -7.32 1.09
C ALA A 234 -11.57 -8.62 1.33
N ARG A 235 -10.26 -8.57 1.13
CA ARG A 235 -9.38 -9.72 1.37
C ARG A 235 -9.45 -10.27 2.78
N PHE A 236 -9.40 -9.37 3.78
CA PHE A 236 -9.48 -9.77 5.19
C PHE A 236 -10.81 -10.43 5.56
N VAL A 237 -11.91 -9.80 5.14
CA VAL A 237 -13.25 -10.33 5.37
C VAL A 237 -13.36 -11.75 4.80
N HIS A 238 -12.94 -11.92 3.54
CA HIS A 238 -12.93 -13.23 2.89
C HIS A 238 -12.06 -14.23 3.65
N LEU A 239 -10.86 -13.80 4.04
CA LEU A 239 -9.94 -14.62 4.81
C LEU A 239 -10.53 -15.08 6.15
N CYS A 240 -11.21 -14.16 6.83
CA CYS A 240 -11.90 -14.45 8.08
C CYS A 240 -12.99 -15.52 7.90
N ARG A 241 -13.69 -15.44 6.76
CA ARG A 241 -14.72 -16.42 6.43
C ARG A 241 -14.12 -17.79 6.20
N GLU A 242 -13.04 -17.85 5.41
CA GLU A 242 -12.32 -19.09 5.14
C GLU A 242 -11.77 -19.69 6.43
N PHE A 243 -11.07 -18.87 7.24
CA PHE A 243 -10.47 -19.35 8.48
C PHE A 243 -11.50 -20.03 9.38
N MET A 244 -12.66 -19.42 9.55
CA MET A 244 -13.68 -20.00 10.42
C MET A 244 -14.28 -21.27 9.86
N GLU A 245 -14.34 -21.35 8.53
CA GLU A 245 -14.83 -22.53 7.83
C GLU A 245 -13.87 -23.71 7.92
N ALA A 246 -12.59 -23.42 7.71
CA ALA A 246 -11.57 -24.45 7.73
C ALA A 246 -10.29 -23.92 8.38
N PRO A 247 -10.28 -23.85 9.73
CA PRO A 247 -9.16 -23.30 10.49
C PRO A 247 -7.87 -24.09 10.27
N SER A 248 -6.81 -23.37 9.91
CA SER A 248 -5.55 -23.97 9.51
C SER A 248 -4.41 -23.15 10.09
N LEU A 249 -3.35 -23.82 10.55
CA LEU A 249 -2.15 -23.13 11.01
C LEU A 249 -1.47 -22.42 9.83
N GLY A 250 -1.85 -22.85 8.63
CA GLY A 250 -1.33 -22.28 7.39
C GLY A 250 -1.72 -20.83 7.16
N PHE A 251 -2.77 -20.37 7.84
CA PHE A 251 -3.19 -18.96 7.81
C PHE A 251 -2.18 -18.01 8.50
N PHE A 252 -1.32 -18.58 9.34
CA PHE A 252 -0.35 -17.81 10.12
C PHE A 252 1.08 -17.92 9.58
N LYS A 253 1.22 -18.60 8.44
CA LYS A 253 2.52 -18.72 7.76
C LYS A 253 2.44 -18.09 6.37
N PRO A 254 3.46 -17.30 5.98
CA PRO A 254 3.41 -16.57 4.70
C PRO A 254 3.40 -17.48 3.46
N ILE A 260 7.78 -20.37 -10.20
CA ILE A 260 7.51 -20.78 -11.59
C ILE A 260 8.74 -20.55 -12.47
N GLU A 261 8.97 -21.46 -13.42
CA GLU A 261 10.07 -21.30 -14.37
C GLU A 261 9.58 -20.52 -15.58
N PRO A 262 10.44 -19.65 -16.15
CA PRO A 262 10.01 -18.74 -17.24
C PRO A 262 9.41 -19.49 -18.42
N GLU A 263 9.73 -20.77 -18.54
CA GLU A 263 9.20 -21.64 -19.57
C GLU A 263 7.71 -21.95 -19.39
N ARG A 264 7.31 -22.35 -18.18
CA ARG A 264 5.90 -22.63 -17.89
C ARG A 264 5.07 -21.36 -18.02
N LEU A 265 5.64 -20.25 -17.55
CA LEU A 265 5.01 -18.94 -17.66
C LEU A 265 4.81 -18.51 -19.13
N ARG A 266 5.76 -18.86 -19.99
CA ARG A 266 5.64 -18.59 -21.43
C ARG A 266 4.46 -19.33 -22.06
N LYS A 267 4.36 -20.63 -21.76
CA LYS A 267 3.25 -21.49 -22.18
C LYS A 267 1.88 -21.03 -21.66
N ILE A 268 1.83 -20.61 -20.40
CA ILE A 268 0.60 -20.08 -19.82
C ILE A 268 0.13 -18.83 -20.57
N VAL A 269 1.06 -17.93 -20.85
CA VAL A 269 0.74 -16.74 -21.62
C VAL A 269 0.22 -17.09 -23.01
N GLU A 270 0.86 -18.06 -23.66
CA GLU A 270 0.40 -18.46 -24.99
C GLU A 270 -0.95 -19.22 -24.94
N GLU A 271 -1.22 -19.95 -23.86
CA GLU A 271 -2.55 -20.56 -23.60
C GLU A 271 -3.64 -19.47 -23.50
N ARG A 272 -3.31 -18.40 -22.80
CA ARG A 272 -4.22 -17.26 -22.59
C ARG A 272 -4.47 -16.49 -23.88
N GLY A 273 -3.46 -16.43 -24.75
CA GLY A 273 -3.58 -15.74 -26.03
C GLY A 273 -3.59 -14.22 -25.92
N THR A 274 -3.16 -13.72 -24.77
CA THR A 274 -3.17 -12.30 -24.44
C THR A 274 -1.85 -11.60 -24.79
N ALA A 275 -1.90 -10.28 -24.89
CA ALA A 275 -0.70 -9.46 -24.95
C ALA A 275 -0.22 -9.12 -23.54
N VAL A 276 0.96 -9.61 -23.20
CA VAL A 276 1.57 -9.41 -21.88
C VAL A 276 2.87 -8.67 -22.10
N PHE A 277 3.04 -7.56 -21.38
CA PHE A 277 4.21 -6.71 -21.57
C PHE A 277 4.43 -5.83 -20.35
N ALA A 278 5.59 -5.18 -20.32
CA ALA A 278 5.95 -4.28 -19.23
C ALA A 278 6.56 -3.00 -19.78
N VAL A 279 6.29 -1.90 -19.09
CA VAL A 279 7.08 -0.67 -19.21
C VAL A 279 8.19 -0.73 -18.16
N LYS A 280 9.44 -0.70 -18.61
CA LYS A 280 10.61 -0.73 -17.72
C LYS A 280 11.35 0.60 -17.76
N PHE A 281 11.66 1.14 -16.60
CA PHE A 281 12.37 2.41 -16.48
C PHE A 281 13.18 2.38 -15.19
N ARG A 282 14.13 3.31 -15.05
CA ARG A 282 14.98 3.37 -13.86
C ARG A 282 14.19 3.84 -12.63
N LYS A 283 14.36 3.13 -11.51
CA LYS A 283 13.68 3.54 -10.29
C LYS A 283 14.20 4.89 -9.81
N PRO A 284 13.29 5.86 -9.59
CA PRO A 284 13.67 7.12 -8.95
C PRO A 284 14.22 6.84 -7.54
N ASP A 285 15.27 7.55 -7.13
CA ASP A 285 15.91 7.36 -5.82
C ASP A 285 15.13 8.10 -4.74
N ILE A 286 13.96 7.56 -4.39
CA ILE A 286 13.01 8.19 -3.47
C ILE A 286 12.44 7.13 -2.51
N VAL A 287 11.88 7.57 -1.37
CA VAL A 287 11.29 6.62 -0.40
C VAL A 287 10.06 5.87 -0.95
N ASP A 288 9.81 4.68 -0.42
CA ASP A 288 8.67 3.84 -0.82
C ASP A 288 7.34 4.60 -0.79
N ASP A 289 7.20 5.44 0.24
CA ASP A 289 5.95 6.13 0.49
C ASP A 289 5.68 7.22 -0.53
N ASN A 290 6.73 7.66 -1.22
CA ASN A 290 6.61 8.51 -2.40
C ASN A 290 6.47 7.70 -3.68
N LEU A 291 7.27 6.64 -3.80
CA LEU A 291 7.32 5.84 -5.02
C LEU A 291 6.02 5.10 -5.36
N TYR A 292 5.44 4.41 -4.39
CA TYR A 292 4.35 3.48 -4.67
C TYR A 292 3.08 4.12 -5.19
N PRO A 293 2.62 5.22 -4.55
CA PRO A 293 1.48 5.97 -5.14
C PRO A 293 1.77 6.45 -6.57
N GLN A 294 3.02 6.75 -6.90
CA GLN A 294 3.36 7.15 -8.25
C GLN A 294 3.31 5.97 -9.23
N LEU A 295 3.74 4.79 -8.78
CA LEU A 295 3.66 3.56 -9.57
C LEU A 295 2.19 3.16 -9.81
N GLU A 296 1.38 3.30 -8.77
CA GLU A 296 -0.07 3.17 -8.86
C GLU A 296 -0.70 4.12 -9.89
N ARG A 297 -0.33 5.40 -9.85
CA ARG A 297 -0.84 6.40 -10.80
C ARG A 297 -0.46 6.08 -12.24
N ALA A 298 0.84 5.90 -12.47
CA ALA A 298 1.36 5.58 -13.79
C ALA A 298 0.68 4.33 -14.37
N SER A 299 0.53 3.31 -13.53
CA SER A 299 -0.14 2.06 -13.93
C SER A 299 -1.60 2.32 -14.34
N ARG A 300 -2.29 3.14 -13.54
CA ARG A 300 -3.69 3.45 -13.81
C ARG A 300 -3.89 4.29 -15.07
N LYS A 301 -3.05 5.32 -15.23
CA LYS A 301 -3.15 6.18 -16.41
C LYS A 301 -2.95 5.41 -17.71
N ILE A 302 -1.98 4.50 -17.72
CA ILE A 302 -1.71 3.66 -18.89
C ILE A 302 -2.82 2.64 -19.14
N PHE A 303 -3.37 2.06 -18.07
CA PHE A 303 -4.50 1.14 -18.13
C PHE A 303 -5.70 1.83 -18.78
N GLU A 304 -5.97 3.05 -18.33
CA GLU A 304 -7.10 3.84 -18.82
C GLU A 304 -6.94 4.20 -20.28
N PHE A 305 -5.71 4.50 -20.67
CA PHE A 305 -5.37 4.70 -22.07
C PHE A 305 -5.69 3.42 -22.84
N LEU A 306 -5.21 2.28 -22.33
CA LEU A 306 -5.46 0.98 -22.95
C LEU A 306 -6.95 0.66 -23.08
N GLU A 307 -7.76 1.00 -22.06
CA GLU A 307 -9.22 0.79 -22.19
C GLU A 307 -9.90 1.67 -23.22
N ARG A 308 -9.67 2.98 -23.18
CA ARG A 308 -10.30 3.84 -24.17
C ARG A 308 -9.75 3.60 -25.59
N GLU A 309 -8.60 2.94 -25.70
CA GLU A 309 -8.05 2.56 -27.02
C GLU A 309 -8.56 1.20 -27.51
N ASN A 310 -9.46 0.59 -26.75
CA ASN A 310 -10.07 -0.70 -27.14
C ASN A 310 -9.11 -1.90 -27.20
N PHE A 311 -8.07 -1.89 -26.38
CA PHE A 311 -7.19 -3.07 -26.27
C PHE A 311 -7.67 -4.05 -25.20
N MET A 312 -8.76 -3.69 -24.54
CA MET A 312 -9.41 -4.54 -23.53
C MET A 312 -8.40 -5.05 -22.48
N PRO A 313 -7.79 -4.12 -21.72
CA PRO A 313 -6.84 -4.53 -20.69
C PRO A 313 -7.55 -5.39 -19.64
N LEU A 314 -6.86 -6.40 -19.13
CA LEU A 314 -7.46 -7.29 -18.13
C LEU A 314 -7.13 -6.81 -16.72
N ARG A 315 -5.85 -6.83 -16.39
CA ARG A 315 -5.37 -6.34 -15.11
C ARG A 315 -4.03 -5.65 -15.34
N SER A 316 -3.55 -5.00 -14.30
CA SER A 316 -2.24 -4.39 -14.29
C SER A 316 -1.56 -4.75 -12.99
N ALA A 317 -0.25 -4.52 -12.96
CA ALA A 317 0.57 -4.75 -11.78
C ALA A 317 1.85 -3.96 -11.93
N PHE A 318 2.62 -3.86 -10.85
CA PHE A 318 3.88 -3.12 -10.89
C PHE A 318 4.82 -3.71 -9.84
N LYS A 319 6.11 -3.47 -10.04
CA LYS A 319 7.13 -4.00 -9.16
C LYS A 319 8.33 -3.08 -9.24
N ALA A 320 8.86 -2.72 -8.08
CA ALA A 320 10.09 -1.98 -8.01
C ALA A 320 11.21 -2.91 -7.54
N SER A 321 12.23 -3.10 -8.39
CA SER A 321 13.47 -3.78 -7.99
C SER A 321 14.46 -2.75 -7.44
N GLU A 322 15.68 -3.18 -7.13
CA GLU A 322 16.70 -2.26 -6.65
C GLU A 322 16.95 -1.11 -7.62
N GLU A 323 17.03 -1.42 -8.92
CA GLU A 323 17.42 -0.42 -9.91
C GLU A 323 16.33 -0.04 -10.94
N PHE A 324 15.33 -0.90 -11.13
CA PHE A 324 14.26 -0.65 -12.10
C PHE A 324 12.86 -0.73 -11.51
N CYS A 325 11.92 -0.07 -12.19
CA CYS A 325 10.48 -0.23 -11.96
C CYS A 325 9.84 -0.81 -13.20
N TYR A 326 8.81 -1.63 -12.98
CA TYR A 326 8.07 -2.30 -14.05
C TYR A 326 6.59 -2.04 -13.85
N LEU A 327 5.95 -1.56 -14.92
CA LEU A 327 4.49 -1.48 -14.98
C LEU A 327 4.02 -2.60 -15.91
N LEU A 328 3.20 -3.51 -15.38
CA LEU A 328 2.83 -4.74 -16.08
C LEU A 328 1.39 -4.68 -16.55
N PHE A 329 1.14 -5.15 -17.78
CA PHE A 329 -0.19 -5.15 -18.39
C PHE A 329 -0.46 -6.44 -19.15
N GLU A 330 -1.71 -6.88 -19.12
CA GLU A 330 -2.21 -7.99 -19.94
C GLU A 330 -3.46 -7.50 -20.64
N CYS A 331 -3.51 -7.68 -21.97
CA CYS A 331 -4.61 -7.19 -22.81
C CYS A 331 -5.20 -8.33 -23.66
N GLN A 332 -6.52 -8.29 -23.87
CA GLN A 332 -7.20 -9.28 -24.71
C GLN A 332 -6.86 -9.12 -26.19
N ILE A 333 -6.43 -7.91 -26.56
CA ILE A 333 -6.21 -7.55 -27.95
C ILE A 333 -4.72 -7.37 -28.26
N LYS A 334 -4.14 -8.36 -28.94
CA LYS A 334 -2.76 -8.31 -29.42
C LYS A 334 -2.61 -7.36 -30.60
N GLU A 335 -3.64 -7.29 -31.44
CA GLU A 335 -3.64 -6.42 -32.60
C GLU A 335 -5.06 -6.04 -32.99
N ILE A 336 -5.26 -4.74 -33.17
CA ILE A 336 -6.52 -4.19 -33.63
C ILE A 336 -6.36 -3.68 -35.07
N SER A 337 -7.48 -3.58 -35.79
CA SER A 337 -7.48 -3.05 -37.16
C SER A 337 -7.02 -1.60 -37.19
N ARG A 338 -6.52 -1.19 -38.35
CA ARG A 338 -6.16 0.20 -38.52
C ARG A 338 -7.42 1.07 -38.57
N VAL A 339 -8.44 0.61 -39.29
CA VAL A 339 -9.69 1.38 -39.38
C VAL A 339 -10.59 1.27 -38.15
N PHE A 340 -11.25 2.38 -37.81
CA PHE A 340 -12.28 2.37 -36.78
C PHE A 340 -13.39 3.30 -37.23
N ARG A 341 -14.50 3.33 -36.49
CA ARG A 341 -15.59 4.27 -36.84
C ARG A 341 -15.68 5.44 -35.87
N ARG A 342 -15.94 6.61 -36.43
CA ARG A 342 -16.16 7.83 -35.66
C ARG A 342 -17.61 8.25 -35.82
N MET A 343 -18.26 8.54 -34.70
CA MET A 343 -19.65 8.99 -34.71
C MET A 343 -19.78 10.46 -35.12
N GLY A 344 -20.61 10.69 -36.12
CA GLY A 344 -20.90 12.05 -36.55
C GLY A 344 -22.30 12.49 -36.15
N PRO A 345 -22.77 13.60 -36.73
CA PRO A 345 -24.04 14.19 -36.35
C PRO A 345 -25.26 13.45 -36.94
N GLN A 346 -26.44 13.74 -36.41
CA GLN A 346 -27.68 13.25 -36.99
C GLN A 346 -27.87 13.92 -38.34
N PHE A 347 -28.46 13.17 -39.29
CA PHE A 347 -28.68 13.66 -40.66
C PHE A 347 -29.39 15.03 -40.70
N GLU A 348 -30.20 15.25 -39.68
CA GLU A 348 -31.00 16.45 -39.47
C GLU A 348 -30.24 17.80 -39.51
N ASP A 349 -29.15 17.96 -38.76
CA ASP A 349 -28.52 19.29 -38.75
C ASP A 349 -27.44 19.44 -39.81
N GLU A 350 -27.77 20.18 -40.86
CA GLU A 350 -26.91 20.23 -42.02
C GLU A 350 -25.63 21.03 -41.80
N ARG A 351 -25.63 21.91 -40.81
CA ARG A 351 -24.43 22.68 -40.48
C ARG A 351 -23.31 21.75 -40.05
N ASN A 352 -23.61 20.87 -39.10
CA ASN A 352 -22.63 19.96 -38.53
C ASN A 352 -22.28 18.80 -39.46
N VAL A 353 -23.26 18.37 -40.24
CA VAL A 353 -23.02 17.39 -41.31
C VAL A 353 -22.03 17.95 -42.33
N LYS A 354 -22.24 19.18 -42.78
CA LYS A 354 -21.30 19.83 -43.68
C LYS A 354 -19.86 19.81 -43.14
N LYS A 355 -19.71 20.16 -41.87
CA LYS A 355 -18.40 20.22 -41.23
C LYS A 355 -17.78 18.84 -41.05
N PHE A 356 -18.62 17.86 -40.72
CA PHE A 356 -18.20 16.48 -40.53
C PHE A 356 -17.71 15.89 -41.86
N LEU A 357 -18.40 16.23 -42.95
CA LEU A 357 -18.06 15.71 -44.29
C LEU A 357 -16.98 16.50 -45.00
N SER A 358 -16.65 17.68 -44.49
CA SER A 358 -15.60 18.51 -45.07
C SER A 358 -14.20 17.98 -44.80
N ARG A 359 -14.05 17.15 -43.76
CA ARG A 359 -12.77 16.51 -43.46
C ARG A 359 -12.39 15.56 -44.60
N ASN A 360 -11.16 15.71 -45.09
CA ASN A 360 -10.63 14.82 -46.11
C ASN A 360 -10.27 13.49 -45.47
N ARG A 361 -10.94 12.42 -45.89
CA ARG A 361 -10.74 11.10 -45.30
C ARG A 361 -10.44 10.07 -46.36
N ALA A 362 -9.87 8.94 -45.94
CA ALA A 362 -9.55 7.84 -46.83
C ALA A 362 -10.78 7.12 -47.37
N PHE A 363 -11.84 7.04 -46.57
CA PHE A 363 -12.89 6.04 -46.83
C PHE A 363 -14.36 6.41 -46.85
N ARG A 364 -14.71 7.65 -47.18
CA ARG A 364 -16.13 7.97 -47.47
C ARG A 364 -17.10 7.61 -46.34
N PRO A 365 -17.61 8.64 -45.62
CA PRO A 365 -18.57 8.47 -44.54
C PRO A 365 -19.91 7.91 -44.99
N PHE A 366 -20.70 7.42 -44.02
CA PHE A 366 -21.92 6.71 -44.30
C PHE A 366 -23.03 7.06 -43.31
N ILE A 367 -24.27 6.84 -43.72
CA ILE A 367 -25.42 7.01 -42.83
C ILE A 367 -25.79 5.65 -42.24
N GLU A 368 -25.96 5.62 -40.92
CA GLU A 368 -26.47 4.43 -40.25
C GLU A 368 -27.35 4.81 -39.08
N ASN A 369 -28.56 4.24 -39.04
CA ASN A 369 -29.55 4.53 -38.00
C ASN A 369 -29.72 6.04 -37.72
N GLY A 370 -29.88 6.80 -38.79
CA GLY A 370 -30.22 8.22 -38.70
C GLY A 370 -29.06 9.17 -38.48
N ARG A 371 -27.85 8.63 -38.37
CA ARG A 371 -26.68 9.50 -38.18
C ARG A 371 -25.48 9.17 -39.06
N TRP A 372 -24.66 10.18 -39.28
CA TRP A 372 -23.44 10.04 -40.06
C TRP A 372 -22.32 9.40 -39.24
N TRP A 373 -21.51 8.60 -39.92
CA TRP A 373 -20.35 7.94 -39.32
C TRP A 373 -19.19 8.02 -40.30
N ALA A 374 -17.97 8.10 -39.76
CA ALA A 374 -16.78 8.10 -40.61
C ALA A 374 -15.86 6.94 -40.29
N PHE A 375 -15.21 6.41 -41.32
CA PHE A 375 -14.06 5.53 -41.11
C PHE A 375 -12.80 6.37 -40.91
N GLU A 376 -12.02 6.00 -39.90
CA GLU A 376 -10.83 6.76 -39.54
C GLU A 376 -9.68 5.76 -39.34
N MET A 377 -8.44 6.24 -39.41
CA MET A 377 -7.26 5.37 -39.29
C MET A 377 -6.48 5.60 -38.00
N ARG A 378 -6.20 4.50 -37.31
CA ARG A 378 -5.34 4.52 -36.11
C ARG A 378 -3.88 4.75 -36.44
N LYS A 379 -3.15 5.35 -35.49
CA LYS A 379 -1.70 5.57 -35.57
C LYS A 379 -0.91 4.36 -35.05
N PHE A 380 -1.59 3.47 -34.33
CA PHE A 380 -0.97 2.27 -33.76
C PHE A 380 -1.99 1.13 -33.76
N THR A 381 -1.51 -0.10 -33.81
CA THR A 381 -2.42 -1.24 -33.90
C THR A 381 -2.20 -2.29 -32.83
N THR A 382 -1.18 -2.07 -31.99
CA THR A 382 -0.94 -2.99 -30.88
C THR A 382 -0.91 -2.26 -29.55
N PRO A 383 -1.19 -2.96 -28.44
CA PRO A 383 -1.13 -2.27 -27.15
C PRO A 383 0.27 -1.73 -26.86
N GLU A 384 1.31 -2.44 -27.28
CA GLU A 384 2.70 -1.99 -27.10
C GLU A 384 3.02 -0.71 -27.88
N GLU A 385 2.65 -0.66 -29.16
CA GLU A 385 2.80 0.55 -29.96
C GLU A 385 2.05 1.72 -29.32
N GLY A 386 0.85 1.44 -28.82
CA GLY A 386 0.03 2.44 -28.14
C GLY A 386 0.69 3.02 -26.90
N VAL A 387 1.19 2.14 -26.02
CA VAL A 387 1.83 2.58 -24.77
C VAL A 387 3.14 3.34 -25.05
N ARG A 388 3.86 2.91 -26.08
CA ARG A 388 5.07 3.64 -26.49
C ARG A 388 4.72 5.07 -26.84
N SER A 389 3.66 5.25 -27.62
CA SER A 389 3.19 6.57 -27.99
C SER A 389 2.75 7.34 -26.74
N TYR A 390 1.94 6.69 -25.92
CA TYR A 390 1.35 7.31 -24.73
C TYR A 390 2.42 7.74 -23.70
N ALA A 391 3.30 6.82 -23.31
CA ALA A 391 4.35 7.09 -22.35
C ALA A 391 5.38 8.13 -22.82
N SER A 392 5.64 8.18 -24.13
CA SER A 392 6.57 9.17 -24.68
C SER A 392 6.02 10.59 -24.65
N THR A 393 4.73 10.74 -24.90
CA THR A 393 4.11 12.08 -24.91
C THR A 393 3.45 12.48 -23.59
N HIS A 394 2.99 11.50 -22.80
CA HIS A 394 2.30 11.78 -21.54
C HIS A 394 3.11 11.41 -20.29
N TRP A 395 4.44 11.45 -20.39
CA TRP A 395 5.31 11.17 -19.23
C TRP A 395 4.91 12.03 -18.02
N HIS A 396 4.59 13.30 -18.27
CA HIS A 396 4.35 14.27 -17.18
C HIS A 396 3.15 13.94 -16.29
N THR A 397 2.22 13.15 -16.80
CA THR A 397 1.05 12.77 -16.00
C THR A 397 1.22 11.45 -15.23
N LEU A 398 2.42 10.86 -15.27
CA LEU A 398 2.63 9.52 -14.70
C LEU A 398 3.37 9.56 -13.36
N GLY A 399 3.13 10.62 -12.59
CA GLY A 399 3.78 10.83 -11.29
C GLY A 399 4.98 11.74 -11.43
N LYS A 400 5.21 12.58 -10.43
CA LYS A 400 6.31 13.55 -10.45
C LYS A 400 7.66 12.90 -10.79
N ASN A 401 8.06 11.91 -10.00
CA ASN A 401 9.39 11.32 -10.17
C ASN A 401 9.39 10.17 -11.17
N VAL A 402 8.38 9.33 -11.08
CA VAL A 402 8.19 8.24 -12.05
C VAL A 402 8.07 8.83 -13.47
N GLY A 403 7.27 9.89 -13.64
CA GLY A 403 7.10 10.52 -14.94
C GLY A 403 8.38 11.10 -15.50
N GLU A 404 9.17 11.73 -14.63
CA GLU A 404 10.48 12.28 -15.01
C GLU A 404 11.45 11.20 -15.40
N SER A 405 11.43 10.07 -14.70
CA SER A 405 12.33 8.97 -15.05
C SER A 405 11.95 8.34 -16.39
N ILE A 406 10.64 8.16 -16.60
CA ILE A 406 10.11 7.66 -17.88
C ILE A 406 10.49 8.57 -19.05
N ARG A 407 10.46 9.88 -18.81
CA ARG A 407 10.93 10.88 -19.76
C ARG A 407 12.41 10.68 -20.16
N GLU A 408 13.26 10.30 -19.20
CA GLU A 408 14.68 10.03 -19.45
C GLU A 408 14.90 8.73 -20.20
N TYR A 409 14.12 7.71 -19.87
CA TYR A 409 14.31 6.38 -20.45
C TYR A 409 13.16 5.46 -20.09
N PHE A 410 12.64 4.75 -21.09
CA PHE A 410 11.77 3.60 -20.85
C PHE A 410 11.86 2.64 -22.03
N GLU A 411 11.47 1.40 -21.78
CA GLU A 411 11.34 0.44 -22.85
C GLU A 411 10.14 -0.45 -22.59
N ILE A 412 9.57 -0.99 -23.66
CA ILE A 412 8.49 -1.96 -23.52
C ILE A 412 9.03 -3.35 -23.77
N ILE A 413 8.76 -4.26 -22.84
CA ILE A 413 9.30 -5.61 -22.91
C ILE A 413 8.16 -6.63 -22.97
N SER A 414 8.33 -7.66 -23.79
CA SER A 414 7.43 -8.82 -23.81
C SER A 414 8.20 -10.14 -24.02
N GLY A 415 7.47 -11.24 -24.15
CA GLY A 415 8.03 -12.53 -24.55
C GLY A 415 9.14 -13.06 -23.69
N GLU A 416 10.07 -13.80 -24.33
CA GLU A 416 11.21 -14.43 -23.66
C GLU A 416 12.00 -13.40 -22.86
N LYS A 417 12.12 -12.21 -23.42
CA LYS A 417 12.82 -11.10 -22.78
C LYS A 417 12.15 -10.70 -21.46
N LEU A 418 10.81 -10.72 -21.43
CA LEU A 418 10.06 -10.29 -20.23
C LEU A 418 10.12 -11.29 -19.09
N PHE A 419 10.02 -12.57 -19.43
CA PHE A 419 10.01 -13.65 -18.44
C PHE A 419 11.37 -13.79 -17.74
N LYS A 420 12.40 -13.14 -18.31
CA LYS A 420 13.75 -13.07 -17.71
C LYS A 420 13.91 -11.92 -16.71
N GLU A 421 12.96 -10.98 -16.70
CA GLU A 421 12.95 -9.88 -15.72
C GLU A 421 12.44 -10.38 -14.37
N PRO A 422 12.80 -9.67 -13.28
CA PRO A 422 12.36 -10.09 -11.93
C PRO A 422 10.88 -9.76 -11.63
N VAL A 423 9.99 -10.18 -12.53
CA VAL A 423 8.57 -9.83 -12.44
C VAL A 423 7.63 -11.05 -12.45
N THR A 424 8.18 -12.24 -12.24
CA THR A 424 7.42 -13.49 -12.42
C THR A 424 6.35 -13.69 -11.35
N ALA A 425 6.67 -13.32 -10.11
CA ALA A 425 5.71 -13.39 -9.01
C ALA A 425 4.49 -12.53 -9.30
N GLU A 426 4.74 -11.30 -9.72
CA GLU A 426 3.68 -10.34 -10.04
C GLU A 426 2.83 -10.81 -11.23
N LEU A 427 3.48 -11.36 -12.27
CA LEU A 427 2.77 -11.86 -13.44
C LEU A 427 1.81 -13.02 -13.10
N CYS A 428 2.29 -13.96 -12.28
CA CYS A 428 1.46 -15.08 -11.82
C CYS A 428 0.23 -14.62 -11.05
N GLU A 429 0.44 -13.68 -10.13
CA GLU A 429 -0.64 -13.10 -9.33
C GLU A 429 -1.64 -12.36 -10.22
N MET A 430 -1.12 -11.60 -11.17
CA MET A 430 -1.90 -10.87 -12.15
C MET A 430 -2.83 -11.77 -13.00
N MET A 431 -2.37 -12.97 -13.31
CA MET A 431 -3.09 -13.88 -14.20
C MET A 431 -3.81 -15.00 -13.45
N GLY A 432 -3.70 -14.98 -12.12
CA GLY A 432 -4.34 -16.00 -11.29
C GLY A 432 -3.77 -17.39 -11.49
N VAL A 433 -2.47 -17.46 -11.76
CA VAL A 433 -1.76 -18.72 -11.92
C VAL A 433 -1.75 -19.46 -10.59
N LYS A 434 -2.16 -20.72 -10.58
CA LYS A 434 -2.21 -21.50 -9.35
C LYS A 434 -1.28 -22.71 -9.39
N ASP A 435 -1.23 -23.45 -8.28
CA ASP A 435 -0.36 -24.64 -8.11
C ASP A 435 0.76 -24.31 -7.13
PG APC C . 4.52 -3.07 15.10
O1G APC C . 4.13 -4.35 15.82
O2G APC C . 4.09 -3.05 13.65
O3G APC C . 5.97 -2.71 15.31
PB APC C . 3.77 -0.36 16.07
O1B APC C . 2.36 0.09 16.35
O2B APC C . 4.79 -0.15 17.16
O3B APC C . 3.58 -1.96 15.84
PA APC C . 5.13 1.77 14.48
O1A APC C . 6.40 1.67 15.28
O2A APC C . 5.27 2.15 13.01
C3A APC C . 4.29 0.34 14.65
O5' APC C . 4.21 2.86 15.20
C5' APC C . 4.43 3.22 16.56
C4' APC C . 3.17 3.87 17.09
O4' APC C . 2.94 5.06 16.36
C3' APC C . 1.92 3.02 16.89
O3' APC C . 1.68 2.11 17.94
C2' APC C . 0.84 4.07 16.74
O2' APC C . 0.49 4.60 18.02
C1' APC C . 1.56 5.18 16.01
N9 APC C . 1.42 5.07 14.54
C8 APC C . 2.43 4.91 13.66
N7 APC C . 1.97 4.86 12.39
C5 APC C . 0.62 5.00 12.45
C6 APC C . -0.50 5.05 11.48
N6 APC C . -0.27 4.93 10.15
N1 APC C . -1.76 5.20 11.98
C2 APC C . -2.01 5.30 13.29
N3 APC C . -1.04 5.28 14.23
C4 APC C . 0.27 5.14 13.87
S SO4 D . -6.37 11.80 -13.25
O1 SO4 D . -7.46 12.73 -12.94
O2 SO4 D . -5.29 12.52 -13.90
O3 SO4 D . -5.87 11.18 -12.02
O4 SO4 D . -6.88 10.73 -14.12
MG MG E . 7.73 -0.74 16.44
C1 EDO F . 14.70 17.34 24.25
O1 EDO F . 14.35 17.46 25.64
C2 EDO F . 13.53 16.70 23.53
O2 EDO F . 13.57 15.30 23.74
C1 EDO G . -13.39 0.39 27.82
O1 EDO G . -13.27 1.77 28.19
C2 EDO G . -12.12 -0.12 27.15
O2 EDO G . -11.62 -1.29 27.80
C1 EDO H . 0.41 17.79 10.97
O1 EDO H . 0.90 16.80 10.04
C2 EDO H . -0.49 18.76 10.23
O2 EDO H . -1.74 18.81 10.93
#